data_3OVR
#
_entry.id   3OVR
#
_cell.length_a   62.006
_cell.length_b   43.665
_cell.length_c   72.655
_cell.angle_alpha   90.00
_cell.angle_beta   94.69
_cell.angle_gamma   90.00
#
_symmetry.space_group_name_H-M   'P 1 21 1'
#
loop_
_entity.id
_entity.type
_entity.pdbx_description
1 polymer 'Ribulose-phosphate 3-epimerase'
2 non-polymer 'FE (II) ION'
3 non-polymer 5-O-phosphono-D-xylulose
4 non-polymer 3,6,9,12,15,18,21,24,27-NONAOXANONACOSANE-1,29-DIOL
5 water water
#
_entity_poly.entity_id   1
_entity_poly.type   'polypeptide(L)'
_entity_poly.pdbx_seq_one_letter_code
;MASGCKIGPSILNSDLANLGAECLRMLDSGADYLHLDVMDGHFVPNITFGHPVVESLRKQLGQDPFFDMHMMVSKPEQWV
KPMAVAGANQYTFHLEATENPGALIKDIRENGMKVGLAIKPGTSVEYLAPWANQIDMALVMTVEPGFGGQKFMEDMMPKV
HWLRTQFPSLDIEVDGGVGPDTVHKCAEAGANMIVSGSAIMRSEDPRSVINLLRNVCSEAAQKRSLDR
;
_entity_poly.pdbx_strand_id   A,B
#
# COMPACT_ATOMS: atom_id res chain seq x y z
N GLY A 4 -23.46 -8.12 20.66
CA GLY A 4 -22.43 -7.11 20.53
C GLY A 4 -21.21 -7.60 19.76
N CYS A 5 -21.34 -8.78 19.15
CA CYS A 5 -20.24 -9.35 18.37
CA CYS A 5 -20.23 -9.34 18.37
C CYS A 5 -20.24 -8.82 16.93
N LYS A 6 -19.05 -8.53 16.42
CA LYS A 6 -18.91 -8.00 15.08
C LYS A 6 -17.81 -8.69 14.28
N ILE A 7 -18.08 -8.87 13.00
CA ILE A 7 -17.16 -9.54 12.09
C ILE A 7 -16.64 -8.52 11.08
N GLY A 8 -15.32 -8.39 11.03
CA GLY A 8 -14.65 -7.50 10.10
C GLY A 8 -13.67 -8.26 9.22
N PRO A 9 -14.06 -8.53 7.98
CA PRO A 9 -13.14 -9.24 7.08
C PRO A 9 -11.87 -8.43 6.83
N SER A 10 -10.77 -9.14 6.67
CA SER A 10 -9.53 -8.54 6.22
C SER A 10 -9.39 -8.77 4.72
N ILE A 11 -8.98 -7.73 4.00
CA ILE A 11 -8.86 -7.83 2.54
C ILE A 11 -7.40 -8.02 2.09
N LEU A 12 -6.53 -8.30 3.04
CA LEU A 12 -5.11 -8.43 2.76
C LEU A 12 -4.79 -9.41 1.62
N ASN A 13 -5.47 -10.55 1.61
CA ASN A 13 -5.25 -11.53 0.56
C ASN A 13 -6.35 -11.55 -0.51
N SER A 14 -7.01 -10.42 -0.69
CA SER A 14 -8.02 -10.29 -1.73
C SER A 14 -7.36 -9.86 -3.03
N ASP A 15 -8.17 -9.59 -4.05
CA ASP A 15 -7.66 -9.06 -5.30
C ASP A 15 -7.43 -7.56 -5.13
N LEU A 16 -6.22 -7.22 -4.72
CA LEU A 16 -5.90 -5.83 -4.39
C LEU A 16 -5.99 -4.89 -5.59
N ALA A 17 -6.05 -5.43 -6.80
CA ALA A 17 -6.19 -4.59 -7.98
C ALA A 17 -7.67 -4.19 -8.15
N ASN A 18 -8.54 -4.91 -7.44
CA ASN A 18 -9.97 -4.64 -7.48
C ASN A 18 -10.52 -4.50 -6.06
N LEU A 19 -9.92 -3.59 -5.31
CA LEU A 19 -10.18 -3.49 -3.88
C LEU A 19 -11.58 -2.98 -3.54
N GLY A 20 -12.08 -2.01 -4.31
CA GLY A 20 -13.43 -1.52 -4.17
C GLY A 20 -14.43 -2.66 -4.32
N ALA A 21 -14.31 -3.43 -5.40
CA ALA A 21 -15.16 -4.59 -5.61
C ALA A 21 -15.10 -5.60 -4.45
N GLU A 22 -13.90 -5.92 -3.98
CA GLU A 22 -13.74 -6.86 -2.86
C GLU A 22 -14.43 -6.35 -1.60
N CYS A 23 -14.23 -5.08 -1.27
CA CYS A 23 -14.90 -4.49 -0.10
C CYS A 23 -16.41 -4.44 -0.25
N LEU A 24 -16.90 -4.03 -1.41
CA LEU A 24 -18.34 -4.01 -1.67
C LEU A 24 -18.98 -5.37 -1.43
N ARG A 25 -18.36 -6.44 -1.93
N ARG A 25 -18.33 -6.41 -1.95
CA ARG A 25 -18.99 -7.74 -1.76
CA ARG A 25 -18.80 -7.78 -1.81
C ARG A 25 -18.89 -8.26 -0.31
C ARG A 25 -18.88 -8.20 -0.35
N MET A 26 -17.87 -7.83 0.43
CA MET A 26 -17.82 -8.16 1.85
C MET A 26 -18.98 -7.49 2.59
N LEU A 27 -19.20 -6.20 2.33
CA LEU A 27 -20.31 -5.46 2.94
C LEU A 27 -21.66 -6.05 2.56
N ASP A 28 -21.81 -6.45 1.32
CA ASP A 28 -23.06 -7.01 0.83
C ASP A 28 -23.30 -8.39 1.42
N SER A 29 -22.21 -9.06 1.78
CA SER A 29 -22.27 -10.37 2.42
C SER A 29 -22.53 -10.30 3.92
N GLY A 30 -22.68 -9.08 4.44
CA GLY A 30 -23.07 -8.89 5.83
C GLY A 30 -21.97 -8.54 6.80
N ALA A 31 -20.79 -8.19 6.29
CA ALA A 31 -19.70 -7.75 7.16
C ALA A 31 -20.16 -6.56 8.02
N ASP A 32 -19.80 -6.59 9.29
CA ASP A 32 -20.13 -5.50 10.20
C ASP A 32 -19.21 -4.31 9.98
N TYR A 33 -17.97 -4.60 9.60
CA TYR A 33 -17.00 -3.55 9.33
C TYR A 33 -15.91 -4.08 8.41
N LEU A 34 -15.07 -3.17 7.91
CA LEU A 34 -13.93 -3.60 7.12
C LEU A 34 -12.65 -3.36 7.92
N HIS A 35 -11.79 -4.37 7.95
CA HIS A 35 -10.52 -4.30 8.66
C HIS A 35 -9.44 -4.11 7.62
N LEU A 36 -8.87 -2.90 7.55
CA LEU A 36 -7.94 -2.54 6.49
C LEU A 36 -6.50 -2.55 6.99
N ASP A 37 -5.71 -3.49 6.50
CA ASP A 37 -4.33 -3.65 6.97
C ASP A 37 -3.36 -2.69 6.29
N VAL A 38 -2.75 -1.82 7.09
CA VAL A 38 -1.81 -0.82 6.59
C VAL A 38 -0.39 -1.18 7.06
N MET A 39 0.49 -1.49 6.10
CA MET A 39 1.85 -1.90 6.42
C MET A 39 2.86 -1.03 5.68
N ASP A 40 3.84 -0.50 6.41
CA ASP A 40 4.81 0.42 5.82
C ASP A 40 6.17 -0.20 5.46
N GLY A 41 6.28 -1.52 5.52
CA GLY A 41 7.55 -2.19 5.19
C GLY A 41 8.66 -2.03 6.22
N HIS A 42 8.38 -1.32 7.30
CA HIS A 42 9.36 -1.10 8.35
C HIS A 42 8.92 -1.73 9.67
N PHE A 43 7.73 -1.40 10.14
CA PHE A 43 7.24 -2.04 11.36
C PHE A 43 7.03 -3.55 11.15
N VAL A 44 6.57 -3.91 9.95
CA VAL A 44 6.49 -5.30 9.52
C VAL A 44 7.16 -5.43 8.13
N PRO A 45 7.65 -6.63 7.79
CA PRO A 45 8.39 -6.82 6.53
C PRO A 45 7.48 -6.98 5.32
N ASN A 46 6.56 -6.05 5.12
CA ASN A 46 5.62 -6.12 4.00
C ASN A 46 5.01 -4.73 3.82
N ILE A 47 4.53 -4.44 2.62
CA ILE A 47 3.91 -3.14 2.33
C ILE A 47 2.55 -3.37 1.68
N THR A 48 1.50 -2.72 2.19
CA THR A 48 0.16 -2.92 1.62
C THR A 48 -0.33 -1.67 0.92
N PHE A 49 -0.80 -0.70 1.70
CA PHE A 49 -1.33 0.56 1.19
C PHE A 49 -1.53 1.51 2.35
N GLY A 50 -1.84 2.77 2.07
CA GLY A 50 -1.99 3.76 3.11
C GLY A 50 -3.19 4.66 2.91
N HIS A 51 -3.10 5.89 3.41
CA HIS A 51 -4.25 6.78 3.36
C HIS A 51 -4.80 7.08 1.94
N PRO A 52 -3.93 7.16 0.91
CA PRO A 52 -4.49 7.43 -0.42
C PRO A 52 -5.47 6.37 -0.90
N VAL A 53 -5.19 5.09 -0.61
CA VAL A 53 -6.10 4.00 -0.95
C VAL A 53 -7.39 4.10 -0.12
N VAL A 54 -7.24 4.43 1.16
CA VAL A 54 -8.40 4.59 2.04
C VAL A 54 -9.32 5.69 1.50
N GLU A 55 -8.74 6.80 1.10
CA GLU A 55 -9.51 7.89 0.51
C GLU A 55 -10.33 7.43 -0.70
N SER A 56 -9.69 6.68 -1.60
CA SER A 56 -10.39 6.15 -2.78
CA SER A 56 -10.39 6.15 -2.78
C SER A 56 -11.50 5.18 -2.39
N LEU A 57 -11.23 4.34 -1.40
CA LEU A 57 -12.24 3.39 -0.91
C LEU A 57 -13.42 4.12 -0.30
N ARG A 58 -13.16 5.14 0.51
CA ARG A 58 -14.24 5.88 1.13
C ARG A 58 -15.13 6.52 0.08
N LYS A 59 -14.51 6.98 -1.01
CA LYS A 59 -15.24 7.61 -2.09
C LYS A 59 -16.12 6.60 -2.84
N GLN A 60 -15.61 5.39 -3.02
N GLN A 60 -15.60 5.39 -2.99
CA GLN A 60 -16.38 4.36 -3.72
CA GLN A 60 -16.29 4.32 -3.71
C GLN A 60 -17.49 3.82 -2.85
C GLN A 60 -17.40 3.68 -2.89
N LEU A 61 -17.18 3.54 -1.59
CA LEU A 61 -18.12 2.86 -0.70
C LEU A 61 -19.16 3.78 -0.05
N GLY A 62 -18.92 5.08 -0.06
CA GLY A 62 -19.81 6.00 0.61
C GLY A 62 -19.46 6.15 2.09
N GLN A 63 -20.29 6.89 2.82
N GLN A 63 -20.28 6.89 2.83
CA GLN A 63 -20.01 7.24 4.21
CA GLN A 63 -19.95 7.22 4.21
C GLN A 63 -20.32 6.12 5.21
C GLN A 63 -20.47 6.25 5.28
N ASP A 64 -21.27 5.26 4.86
CA ASP A 64 -21.80 4.27 5.82
C ASP A 64 -20.79 3.30 6.45
N PRO A 65 -19.97 2.64 5.62
CA PRO A 65 -19.15 1.54 6.13
C PRO A 65 -18.09 1.98 7.15
N PHE A 66 -17.86 1.14 8.15
CA PHE A 66 -16.89 1.42 9.22
C PHE A 66 -15.53 0.85 8.81
N PHE A 67 -14.51 1.71 8.78
CA PHE A 67 -13.14 1.27 8.47
C PHE A 67 -12.32 1.13 9.76
N ASP A 68 -11.84 -0.07 10.03
CA ASP A 68 -10.92 -0.30 11.15
C ASP A 68 -9.49 -0.35 10.60
N MET A 69 -8.70 0.68 10.86
CA MET A 69 -7.36 0.75 10.29
C MET A 69 -6.35 0.04 11.19
N HIS A 70 -5.85 -1.10 10.74
CA HIS A 70 -4.78 -1.80 11.45
C HIS A 70 -3.43 -1.22 11.03
N MET A 71 -2.92 -0.30 11.84
CA MET A 71 -1.74 0.50 11.48
C MET A 71 -0.46 -0.21 11.88
N MET A 72 0.01 -1.07 10.99
CA MET A 72 1.28 -1.75 11.18
C MET A 72 2.41 -0.89 10.62
N VAL A 73 2.65 0.23 11.29
CA VAL A 73 3.57 1.25 10.80
C VAL A 73 4.46 1.65 11.96
N SER A 74 5.67 2.08 11.66
CA SER A 74 6.61 2.39 12.74
C SER A 74 6.48 3.79 13.33
N LYS A 75 5.79 4.67 12.61
N LYS A 75 5.79 4.67 12.61
CA LYS A 75 5.52 6.01 13.11
CA LYS A 75 5.53 6.01 13.10
C LYS A 75 4.04 6.33 13.06
C LYS A 75 4.03 6.31 13.05
N PRO A 76 3.24 5.66 13.92
CA PRO A 76 1.78 5.85 13.86
C PRO A 76 1.34 7.30 14.04
N GLU A 77 2.14 8.08 14.76
CA GLU A 77 1.85 9.50 14.93
C GLU A 77 1.68 10.24 13.60
N GLN A 78 2.46 9.84 12.59
CA GLN A 78 2.52 10.55 11.32
C GLN A 78 1.25 10.45 10.49
N TRP A 79 0.48 9.37 10.69
CA TRP A 79 -0.62 9.07 9.78
C TRP A 79 -2.01 9.29 10.36
N VAL A 80 -2.08 9.83 11.57
CA VAL A 80 -3.35 10.06 12.24
C VAL A 80 -4.23 11.04 11.46
N LYS A 81 -3.70 12.24 11.20
CA LYS A 81 -4.46 13.26 10.46
C LYS A 81 -4.81 12.78 9.04
N PRO A 82 -3.82 12.27 8.30
CA PRO A 82 -4.09 11.77 6.94
C PRO A 82 -5.17 10.69 6.88
N MET A 83 -5.18 9.79 7.86
CA MET A 83 -6.22 8.75 7.90
C MET A 83 -7.59 9.31 8.27
N ALA A 84 -7.61 10.28 9.18
CA ALA A 84 -8.86 10.91 9.59
C ALA A 84 -9.47 11.64 8.41
N VAL A 85 -8.63 12.38 7.70
CA VAL A 85 -9.04 13.13 6.52
C VAL A 85 -9.53 12.20 5.41
N ALA A 86 -8.90 11.03 5.31
CA ALA A 86 -9.29 10.01 4.32
C ALA A 86 -10.64 9.35 4.61
N GLY A 87 -11.13 9.48 5.84
CA GLY A 87 -12.42 8.93 6.22
C GLY A 87 -12.37 7.64 7.04
N ALA A 88 -11.25 7.36 7.68
CA ALA A 88 -11.16 6.21 8.59
C ALA A 88 -12.00 6.45 9.84
N ASN A 89 -12.59 5.38 10.38
CA ASN A 89 -13.38 5.47 11.61
C ASN A 89 -12.57 5.17 12.88
N GLN A 90 -11.70 4.18 12.79
CA GLN A 90 -10.93 3.74 13.93
C GLN A 90 -9.47 3.56 13.54
N TYR A 91 -8.59 4.05 14.39
CA TYR A 91 -7.15 4.00 14.16
C TYR A 91 -6.54 3.08 15.20
N THR A 92 -6.18 1.87 14.77
CA THR A 92 -5.61 0.87 15.66
C THR A 92 -4.08 0.85 15.50
N PHE A 93 -3.36 1.37 16.49
CA PHE A 93 -1.91 1.41 16.41
C PHE A 93 -1.28 0.31 17.27
N HIS A 94 -0.02 0.01 17.01
CA HIS A 94 0.69 -0.99 17.81
C HIS A 94 1.40 -0.40 19.02
N LEU A 95 1.19 -1.03 20.18
CA LEU A 95 1.88 -0.65 21.40
C LEU A 95 3.39 -0.61 21.19
N GLU A 96 3.90 -1.52 20.38
CA GLU A 96 5.35 -1.61 20.17
C GLU A 96 5.89 -0.52 19.24
N ALA A 97 5.00 0.30 18.67
CA ALA A 97 5.41 1.25 17.64
C ALA A 97 5.54 2.70 18.12
N THR A 98 5.38 2.92 19.43
CA THR A 98 5.48 4.28 19.95
C THR A 98 6.06 4.32 21.36
N GLU A 99 6.72 5.43 21.68
CA GLU A 99 7.28 5.67 23.00
CA GLU A 99 7.27 5.62 23.02
C GLU A 99 6.25 6.27 23.96
N ASN A 100 5.21 6.89 23.39
CA ASN A 100 4.15 7.48 24.21
C ASN A 100 2.74 7.23 23.69
N PRO A 101 2.15 6.10 24.10
CA PRO A 101 0.80 5.76 23.63
C PRO A 101 -0.24 6.76 24.12
N GLY A 102 -0.01 7.34 25.30
CA GLY A 102 -0.94 8.31 25.87
C GLY A 102 -1.16 9.52 24.99
N ALA A 103 -0.07 10.06 24.46
CA ALA A 103 -0.14 11.23 23.58
C ALA A 103 -0.80 10.88 22.26
N LEU A 104 -0.50 9.68 21.76
CA LEU A 104 -1.04 9.23 20.49
C LEU A 104 -2.56 9.00 20.61
N ILE A 105 -2.96 8.37 21.70
CA ILE A 105 -4.39 8.17 21.99
C ILE A 105 -5.13 9.52 21.98
N LYS A 106 -4.60 10.50 22.68
CA LYS A 106 -5.21 11.83 22.66
C LYS A 106 -5.35 12.39 21.25
N ASP A 107 -4.28 12.30 20.47
CA ASP A 107 -4.28 12.85 19.11
C ASP A 107 -5.30 12.17 18.19
N ILE A 108 -5.50 10.87 18.37
CA ILE A 108 -6.49 10.13 17.59
C ILE A 108 -7.89 10.65 17.90
N ARG A 109 -8.18 10.85 19.18
CA ARG A 109 -9.52 11.32 19.55
C ARG A 109 -9.73 12.75 19.08
N GLU A 110 -8.67 13.56 19.21
CA GLU A 110 -8.74 14.95 18.76
C GLU A 110 -9.03 15.00 17.27
N ASN A 111 -8.60 13.97 16.54
CA ASN A 111 -8.89 13.85 15.11
C ASN A 111 -10.20 13.11 14.83
N GLY A 112 -10.97 12.88 15.88
CA GLY A 112 -12.32 12.35 15.74
C GLY A 112 -12.44 10.86 15.47
N MET A 113 -11.35 10.11 15.59
CA MET A 113 -11.43 8.68 15.33
C MET A 113 -11.52 7.86 16.60
N LYS A 114 -12.04 6.65 16.48
CA LYS A 114 -12.00 5.70 17.58
CA LYS A 114 -12.01 5.68 17.57
C LYS A 114 -10.58 5.16 17.72
N VAL A 115 -10.26 4.62 18.90
CA VAL A 115 -8.87 4.26 19.23
C VAL A 115 -8.71 2.76 19.42
N GLY A 116 -7.85 2.15 18.61
CA GLY A 116 -7.48 0.77 18.83
C GLY A 116 -6.04 0.65 19.27
N LEU A 117 -5.74 -0.38 20.05
CA LEU A 117 -4.39 -0.60 20.55
C LEU A 117 -4.07 -2.09 20.45
N ALA A 118 -3.05 -2.41 19.66
CA ALA A 118 -2.73 -3.79 19.32
C ALA A 118 -1.41 -4.26 19.93
N ILE A 119 -1.34 -5.55 20.22
CA ILE A 119 -0.09 -6.16 20.68
C ILE A 119 0.25 -7.42 19.88
N LYS A 120 1.52 -7.55 19.55
CA LYS A 120 2.05 -8.71 18.87
C LYS A 120 2.09 -9.92 19.81
N PRO A 121 2.17 -11.14 19.25
CA PRO A 121 2.16 -12.35 20.07
C PRO A 121 3.25 -12.33 21.14
N GLY A 122 4.44 -11.85 20.79
CA GLY A 122 5.55 -11.79 21.74
C GLY A 122 5.40 -10.76 22.84
N THR A 123 4.36 -9.93 22.75
CA THR A 123 4.20 -8.83 23.70
C THR A 123 3.22 -9.16 24.82
N SER A 124 3.67 -9.11 26.06
CA SER A 124 2.83 -9.46 27.21
CA SER A 124 2.84 -9.44 27.23
C SER A 124 1.60 -8.54 27.33
N VAL A 125 0.44 -9.14 27.54
CA VAL A 125 -0.80 -8.38 27.65
C VAL A 125 -0.72 -7.38 28.81
N GLU A 126 0.18 -7.63 29.76
CA GLU A 126 0.36 -6.75 30.92
CA GLU A 126 0.35 -6.75 30.91
C GLU A 126 0.73 -5.32 30.49
N TYR A 127 1.43 -5.19 29.38
CA TYR A 127 1.89 -3.87 28.94
C TYR A 127 0.78 -3.06 28.29
N LEU A 128 -0.28 -3.75 27.90
CA LEU A 128 -1.46 -3.11 27.31
C LEU A 128 -2.35 -2.51 28.41
N ALA A 129 -2.35 -3.13 29.58
CA ALA A 129 -3.27 -2.82 30.66
C ALA A 129 -3.36 -1.36 31.13
N PRO A 130 -2.22 -0.66 31.26
CA PRO A 130 -2.28 0.73 31.73
C PRO A 130 -3.15 1.61 30.85
N TRP A 131 -3.35 1.20 29.60
CA TRP A 131 -4.06 2.02 28.62
C TRP A 131 -5.46 1.51 28.30
N ALA A 132 -5.83 0.39 28.90
CA ALA A 132 -7.07 -0.26 28.47
C ALA A 132 -8.30 0.59 28.75
N ASN A 133 -8.26 1.40 29.80
CA ASN A 133 -9.38 2.28 30.13
CA ASN A 133 -9.38 2.28 30.13
C ASN A 133 -9.47 3.53 29.24
N GLN A 134 -8.45 3.74 28.42
CA GLN A 134 -8.42 4.92 27.55
CA GLN A 134 -8.42 4.92 27.56
C GLN A 134 -8.70 4.60 26.09
N ILE A 135 -8.82 3.31 25.76
CA ILE A 135 -9.00 2.92 24.35
C ILE A 135 -10.41 2.42 24.08
N ASP A 136 -10.76 2.33 22.79
CA ASP A 136 -12.07 1.79 22.42
C ASP A 136 -12.01 0.29 22.14
N MET A 137 -10.84 -0.19 21.75
CA MET A 137 -10.68 -1.57 21.33
C MET A 137 -9.23 -2.03 21.50
N ALA A 138 -9.06 -3.18 22.13
CA ALA A 138 -7.76 -3.84 22.18
C ALA A 138 -7.70 -4.92 21.12
N LEU A 139 -6.59 -4.99 20.40
CA LEU A 139 -6.36 -6.00 19.40
C LEU A 139 -5.30 -6.98 19.86
N VAL A 140 -5.72 -8.21 20.09
CA VAL A 140 -4.77 -9.28 20.40
C VAL A 140 -4.45 -9.99 19.10
N MET A 141 -3.24 -9.82 18.60
CA MET A 141 -2.78 -10.54 17.41
CA MET A 141 -2.83 -10.54 17.40
C MET A 141 -2.68 -12.02 17.72
N THR A 142 -3.18 -12.85 16.81
CA THR A 142 -3.08 -14.30 16.97
C THR A 142 -2.21 -14.93 15.89
N VAL A 143 -1.53 -14.08 15.14
CA VAL A 143 -0.40 -14.48 14.30
C VAL A 143 0.63 -13.35 14.38
N GLU A 144 1.85 -13.60 13.96
CA GLU A 144 2.85 -12.55 13.86
C GLU A 144 2.44 -11.66 12.68
N PRO A 145 2.28 -10.35 12.92
CA PRO A 145 1.79 -9.44 11.87
C PRO A 145 2.70 -9.31 10.65
N GLY A 146 2.08 -9.10 9.48
CA GLY A 146 2.81 -8.89 8.26
C GLY A 146 2.30 -9.71 7.10
N PHE A 147 1.66 -10.84 7.40
CA PHE A 147 1.25 -11.80 6.39
C PHE A 147 -0.10 -12.45 6.71
N GLY A 148 -0.88 -12.72 5.67
CA GLY A 148 -2.12 -13.46 5.83
C GLY A 148 -1.92 -14.96 5.69
N GLY A 149 -2.97 -15.73 6.02
CA GLY A 149 -2.92 -17.16 5.84
C GLY A 149 -2.04 -17.94 6.79
N GLN A 150 -1.57 -17.31 7.87
CA GLN A 150 -0.74 -18.01 8.85
C GLN A 150 -1.61 -18.81 9.83
N LYS A 151 -0.98 -19.72 10.57
CA LYS A 151 -1.70 -20.55 11.52
CA LYS A 151 -1.69 -20.57 11.52
C LYS A 151 -2.01 -19.82 12.82
N PHE A 152 -3.26 -19.91 13.22
CA PHE A 152 -3.77 -19.37 14.49
C PHE A 152 -2.91 -19.82 15.67
N MET A 153 -2.54 -18.87 16.52
CA MET A 153 -1.78 -19.16 17.74
C MET A 153 -2.72 -19.20 18.95
N GLU A 154 -3.18 -20.40 19.28
CA GLU A 154 -4.15 -20.53 20.36
CA GLU A 154 -4.13 -20.60 20.37
C GLU A 154 -3.55 -20.13 21.71
N ASP A 155 -2.23 -20.12 21.81
CA ASP A 155 -1.54 -19.73 23.05
CA ASP A 155 -1.57 -19.73 23.05
C ASP A 155 -1.79 -18.27 23.41
N MET A 156 -2.45 -17.53 22.53
CA MET A 156 -2.73 -16.11 22.79
C MET A 156 -4.03 -15.95 23.56
N MET A 157 -4.81 -17.03 23.68
CA MET A 157 -6.14 -16.91 24.29
C MET A 157 -6.15 -16.41 25.75
N PRO A 158 -5.12 -16.75 26.54
CA PRO A 158 -5.09 -16.20 27.91
C PRO A 158 -5.00 -14.67 27.92
N LYS A 159 -4.39 -14.07 26.90
CA LYS A 159 -4.36 -12.61 26.80
C LYS A 159 -5.79 -12.09 26.64
N VAL A 160 -6.54 -12.70 25.73
CA VAL A 160 -7.92 -12.29 25.51
C VAL A 160 -8.76 -12.45 26.78
N HIS A 161 -8.66 -13.63 27.39
CA HIS A 161 -9.43 -13.95 28.59
C HIS A 161 -9.10 -13.01 29.74
N TRP A 162 -7.82 -12.70 29.91
CA TRP A 162 -7.40 -11.81 30.97
C TRP A 162 -7.96 -10.40 30.78
N LEU A 163 -7.89 -9.88 29.56
CA LEU A 163 -8.48 -8.57 29.26
C LEU A 163 -9.99 -8.55 29.48
N ARG A 164 -10.66 -9.63 29.06
CA ARG A 164 -12.12 -9.70 29.22
C ARG A 164 -12.47 -9.65 30.70
N THR A 165 -11.69 -10.36 31.51
CA THR A 165 -11.92 -10.41 32.95
C THR A 165 -11.69 -9.05 33.60
N GLN A 166 -10.57 -8.42 33.29
CA GLN A 166 -10.18 -7.16 33.92
C GLN A 166 -10.94 -5.95 33.40
N PHE A 167 -11.34 -5.99 32.12
CA PHE A 167 -12.01 -4.87 31.47
C PHE A 167 -13.31 -5.30 30.76
N PRO A 168 -14.35 -5.58 31.57
CA PRO A 168 -15.58 -6.20 31.07
C PRO A 168 -16.24 -5.44 29.92
N SER A 169 -16.05 -4.12 29.83
CA SER A 169 -16.74 -3.33 28.81
C SER A 169 -15.87 -3.07 27.59
N LEU A 170 -14.63 -3.54 27.62
CA LEU A 170 -13.69 -3.33 26.53
C LEU A 170 -14.03 -4.21 25.33
N ASP A 171 -14.09 -3.61 24.15
CA ASP A 171 -14.15 -4.39 22.93
C ASP A 171 -12.80 -5.04 22.66
N ILE A 172 -12.80 -6.35 22.42
CA ILE A 172 -11.54 -7.05 22.19
C ILE A 172 -11.54 -7.75 20.86
N GLU A 173 -10.55 -7.42 20.04
CA GLU A 173 -10.43 -7.95 18.70
C GLU A 173 -9.33 -9.02 18.63
N VAL A 174 -9.58 -10.07 17.86
CA VAL A 174 -8.54 -11.03 17.53
C VAL A 174 -8.33 -10.98 16.02
N ASP A 175 -7.10 -11.26 15.61
CA ASP A 175 -6.70 -11.07 14.23
C ASP A 175 -5.54 -12.00 13.91
N GLY A 176 -5.80 -12.93 12.99
CA GLY A 176 -4.77 -13.82 12.51
C GLY A 176 -5.20 -15.28 12.60
N GLY A 177 -5.39 -15.92 11.44
CA GLY A 177 -5.77 -17.32 11.41
C GLY A 177 -7.12 -17.64 12.03
N VAL A 178 -8.02 -16.65 12.11
CA VAL A 178 -9.34 -16.89 12.66
C VAL A 178 -10.30 -17.42 11.60
N GLY A 179 -10.92 -18.56 11.88
CA GLY A 179 -11.82 -19.20 10.95
C GLY A 179 -12.91 -19.96 11.68
N PRO A 180 -13.75 -20.69 10.94
CA PRO A 180 -14.88 -21.39 11.57
C PRO A 180 -14.44 -22.36 12.66
N ASP A 181 -13.24 -22.93 12.56
CA ASP A 181 -12.76 -23.77 13.65
C ASP A 181 -12.28 -22.92 14.83
N THR A 182 -11.30 -22.05 14.58
CA THR A 182 -10.61 -21.34 15.66
C THR A 182 -11.42 -20.23 16.31
N VAL A 183 -12.50 -19.79 15.66
CA VAL A 183 -13.35 -18.76 16.22
C VAL A 183 -13.92 -19.19 17.58
N HIS A 184 -14.14 -20.50 17.75
CA HIS A 184 -14.65 -21.01 19.03
C HIS A 184 -13.73 -20.65 20.19
N LYS A 185 -12.42 -20.86 19.98
CA LYS A 185 -11.43 -20.54 21.00
C LYS A 185 -11.44 -19.04 21.31
N CYS A 186 -11.56 -18.22 20.27
CA CYS A 186 -11.57 -16.78 20.46
C CYS A 186 -12.78 -16.33 21.26
N ALA A 187 -13.95 -16.88 20.89
CA ALA A 187 -15.20 -16.51 21.52
C ALA A 187 -15.22 -16.94 22.98
N GLU A 188 -14.83 -18.18 23.24
N GLU A 188 -14.83 -18.18 23.24
CA GLU A 188 -14.84 -18.71 24.60
CA GLU A 188 -14.86 -18.71 24.60
C GLU A 188 -13.88 -17.94 25.50
C GLU A 188 -13.87 -17.96 25.49
N ALA A 189 -12.84 -17.39 24.89
CA ALA A 189 -11.84 -16.61 25.62
C ALA A 189 -12.34 -15.20 25.96
N GLY A 190 -13.31 -14.68 25.19
CA GLY A 190 -13.89 -13.38 25.47
C GLY A 190 -13.85 -12.34 24.34
N ALA A 191 -13.35 -12.71 23.18
CA ALA A 191 -13.29 -11.77 22.06
C ALA A 191 -14.69 -11.52 21.48
N ASN A 192 -14.98 -10.26 21.14
CA ASN A 192 -16.27 -9.93 20.52
C ASN A 192 -16.11 -9.28 19.14
N MET A 193 -14.87 -9.03 18.74
CA MET A 193 -14.61 -8.53 17.41
CA MET A 193 -14.57 -8.48 17.42
C MET A 193 -13.67 -9.46 16.69
N ILE A 194 -14.14 -10.00 15.58
CA ILE A 194 -13.42 -11.04 14.87
C ILE A 194 -12.95 -10.55 13.51
N VAL A 195 -11.64 -10.52 13.33
CA VAL A 195 -11.10 -10.25 12.01
C VAL A 195 -10.80 -11.59 11.35
N SER A 196 -11.22 -11.72 10.09
CA SER A 196 -10.99 -12.96 9.36
C SER A 196 -10.65 -12.61 7.90
N GLY A 197 -9.48 -13.03 7.44
CA GLY A 197 -9.07 -12.77 6.08
C GLY A 197 -9.26 -13.99 5.18
N SER A 198 -8.28 -14.89 5.18
CA SER A 198 -8.29 -15.98 4.22
C SER A 198 -9.53 -16.86 4.32
N ALA A 199 -10.04 -17.06 5.52
CA ALA A 199 -11.21 -17.90 5.73
C ALA A 199 -12.46 -17.34 5.04
N ILE A 200 -12.59 -16.01 5.01
CA ILE A 200 -13.72 -15.39 4.35
C ILE A 200 -13.44 -15.14 2.85
N MET A 201 -12.26 -14.63 2.55
CA MET A 201 -11.96 -14.21 1.18
C MET A 201 -11.93 -15.34 0.15
N ARG A 202 -11.39 -16.49 0.54
CA ARG A 202 -11.27 -17.60 -0.40
C ARG A 202 -12.47 -18.55 -0.34
N SER A 203 -13.52 -18.14 0.36
CA SER A 203 -14.76 -18.92 0.45
C SER A 203 -15.72 -18.60 -0.70
N GLU A 204 -16.45 -19.60 -1.16
N GLU A 204 -16.45 -19.62 -1.14
CA GLU A 204 -17.42 -19.40 -2.23
CA GLU A 204 -17.43 -19.46 -2.21
C GLU A 204 -18.71 -18.79 -1.67
C GLU A 204 -18.70 -18.80 -1.67
N ASP A 205 -18.91 -18.90 -0.36
CA ASP A 205 -20.10 -18.38 0.29
C ASP A 205 -19.72 -17.53 1.51
N PRO A 206 -19.15 -16.34 1.27
CA PRO A 206 -18.71 -15.44 2.35
C PRO A 206 -19.83 -15.10 3.34
N ARG A 207 -21.06 -14.95 2.86
CA ARG A 207 -22.18 -14.64 3.74
CA ARG A 207 -22.20 -14.66 3.73
C ARG A 207 -22.36 -15.70 4.83
N SER A 208 -22.31 -16.97 4.47
CA SER A 208 -22.52 -18.05 5.44
C SER A 208 -21.34 -18.17 6.42
N VAL A 209 -20.12 -17.95 5.93
CA VAL A 209 -18.96 -17.92 6.82
C VAL A 209 -19.10 -16.80 7.86
N ILE A 210 -19.36 -15.59 7.38
CA ILE A 210 -19.60 -14.46 8.27
C ILE A 210 -20.70 -14.77 9.30
N ASN A 211 -21.83 -15.30 8.83
CA ASN A 211 -22.90 -15.73 9.74
C ASN A 211 -22.45 -16.74 10.78
N LEU A 212 -21.65 -17.71 10.34
CA LEU A 212 -21.12 -18.72 11.25
C LEU A 212 -20.23 -18.10 12.33
N LEU A 213 -19.31 -17.22 11.91
CA LEU A 213 -18.41 -16.56 12.86
C LEU A 213 -19.18 -15.71 13.88
N ARG A 214 -20.14 -14.93 13.42
CA ARG A 214 -20.90 -14.08 14.31
C ARG A 214 -21.74 -14.90 15.30
N ASN A 215 -22.36 -15.97 14.80
CA ASN A 215 -23.19 -16.81 15.64
CA ASN A 215 -23.19 -16.85 15.62
C ASN A 215 -22.39 -17.49 16.76
N VAL A 216 -21.23 -18.05 16.42
CA VAL A 216 -20.40 -18.67 17.43
C VAL A 216 -20.06 -17.64 18.51
N CYS A 217 -19.69 -16.44 18.09
CA CYS A 217 -19.32 -15.36 19.00
CA CYS A 217 -19.30 -15.36 19.00
CA CYS A 217 -19.32 -15.38 19.01
C CYS A 217 -20.48 -14.93 19.89
N SER A 218 -21.66 -14.78 19.28
CA SER A 218 -22.83 -14.36 20.04
C SER A 218 -23.15 -15.35 21.14
N GLU A 219 -23.10 -16.64 20.81
N GLU A 219 -23.10 -16.64 20.80
CA GLU A 219 -23.38 -17.70 21.78
CA GLU A 219 -23.36 -17.71 21.74
C GLU A 219 -22.47 -17.62 22.99
C GLU A 219 -22.47 -17.62 22.98
N ALA A 220 -21.20 -17.31 22.77
CA ALA A 220 -20.26 -17.13 23.87
C ALA A 220 -20.56 -15.84 24.62
N ALA A 221 -20.86 -14.78 23.88
CA ALA A 221 -21.21 -13.49 24.47
C ALA A 221 -22.42 -13.58 25.38
N GLN A 222 -23.37 -14.44 25.02
CA GLN A 222 -24.58 -14.62 25.80
C GLN A 222 -24.33 -15.37 27.10
N LYS A 223 -23.45 -16.37 27.02
N LYS A 223 -23.46 -16.37 27.04
CA LYS A 223 -23.13 -17.20 28.17
CA LYS A 223 -23.17 -17.20 28.21
C LYS A 223 -22.49 -16.40 29.30
C LYS A 223 -22.49 -16.38 29.31
N ARG A 224 -21.68 -15.41 28.93
CA ARG A 224 -21.00 -14.56 29.90
C ARG A 224 -21.99 -13.68 30.67
N GLY B 4 11.93 5.78 -30.67
CA GLY B 4 12.28 5.11 -29.43
C GLY B 4 11.77 5.81 -28.17
N CYS B 5 10.77 6.65 -28.35
N CYS B 5 10.74 6.63 -28.34
CA CYS B 5 10.14 7.34 -27.23
CA CYS B 5 10.12 7.38 -27.23
C CYS B 5 9.00 6.50 -26.66
C CYS B 5 8.87 6.72 -26.65
N LYS B 6 8.87 6.50 -25.35
CA LYS B 6 7.79 5.74 -24.71
C LYS B 6 7.05 6.51 -23.62
N ILE B 7 5.73 6.29 -23.55
CA ILE B 7 4.86 6.95 -22.59
C ILE B 7 4.39 5.94 -21.56
N GLY B 8 4.67 6.23 -20.29
CA GLY B 8 4.24 5.39 -19.19
C GLY B 8 3.41 6.16 -18.19
N PRO B 9 2.09 5.98 -18.23
CA PRO B 9 1.23 6.66 -17.26
C PRO B 9 1.54 6.25 -15.82
N SER B 10 1.41 7.21 -14.92
N SER B 10 1.42 7.21 -14.91
CA SER B 10 1.47 6.97 -13.48
CA SER B 10 1.49 6.90 -13.48
C SER B 10 0.06 6.94 -12.92
C SER B 10 0.09 6.96 -12.88
N ILE B 11 -0.22 6.02 -12.01
CA ILE B 11 -1.58 5.88 -11.49
C ILE B 11 -1.80 6.46 -10.09
N LEU B 12 -0.86 7.29 -9.65
CA LEU B 12 -0.91 7.88 -8.31
C LEU B 12 -2.23 8.58 -8.01
N ASN B 13 -2.73 9.36 -8.96
CA ASN B 13 -3.98 10.09 -8.75
C ASN B 13 -5.18 9.44 -9.44
N SER B 14 -5.07 8.16 -9.70
CA SER B 14 -6.18 7.37 -10.23
C SER B 14 -7.11 6.93 -9.11
N ASP B 15 -8.13 6.17 -9.46
CA ASP B 15 -8.98 5.52 -8.48
C ASP B 15 -8.25 4.29 -7.95
N LEU B 16 -7.54 4.46 -6.83
CA LEU B 16 -6.70 3.40 -6.28
C LEU B 16 -7.51 2.23 -5.74
N ALA B 17 -8.82 2.41 -5.62
CA ALA B 17 -9.70 1.31 -5.26
C ALA B 17 -10.03 0.47 -6.50
N ASN B 18 -9.58 0.95 -7.66
CA ASN B 18 -9.81 0.25 -8.93
C ASN B 18 -8.59 0.32 -9.81
N LEU B 19 -7.43 0.01 -9.23
CA LEU B 19 -6.16 0.10 -9.95
C LEU B 19 -6.18 -0.74 -11.22
N GLY B 20 -6.74 -1.93 -11.12
CA GLY B 20 -6.89 -2.80 -12.27
C GLY B 20 -7.58 -2.13 -13.44
N ALA B 21 -8.77 -1.56 -13.19
CA ALA B 21 -9.52 -0.93 -14.27
C ALA B 21 -8.77 0.29 -14.81
N GLU B 22 -8.13 1.04 -13.91
CA GLU B 22 -7.39 2.25 -14.28
C GLU B 22 -6.22 1.88 -15.20
N CYS B 23 -5.46 0.87 -14.80
CA CYS B 23 -4.33 0.41 -15.59
C CYS B 23 -4.80 -0.20 -16.90
N LEU B 24 -5.92 -0.92 -16.87
N LEU B 24 -5.92 -0.92 -16.87
CA LEU B 24 -6.46 -1.54 -18.07
CA LEU B 24 -6.46 -1.54 -18.07
C LEU B 24 -6.80 -0.50 -19.13
C LEU B 24 -6.76 -0.48 -19.12
N ARG B 25 -7.39 0.60 -18.70
CA ARG B 25 -7.74 1.68 -19.62
C ARG B 25 -6.46 2.25 -20.24
N MET B 26 -5.43 2.42 -19.41
CA MET B 26 -4.16 2.93 -19.92
C MET B 26 -3.56 2.02 -21.00
N LEU B 27 -3.53 0.72 -20.72
CA LEU B 27 -2.97 -0.24 -21.68
C LEU B 27 -3.81 -0.30 -22.95
N ASP B 28 -5.13 -0.33 -22.77
CA ASP B 28 -6.00 -0.40 -23.94
C ASP B 28 -5.93 0.89 -24.76
N SER B 29 -5.40 1.95 -24.15
CA SER B 29 -5.28 3.23 -24.83
C SER B 29 -3.91 3.41 -25.50
N GLY B 30 -3.10 2.36 -25.45
CA GLY B 30 -1.82 2.38 -26.15
C GLY B 30 -0.64 2.81 -25.30
N ALA B 31 -0.78 2.85 -23.99
CA ALA B 31 0.39 3.16 -23.14
C ALA B 31 1.53 2.20 -23.45
N ASP B 32 2.75 2.73 -23.56
CA ASP B 32 3.92 1.89 -23.79
C ASP B 32 4.31 1.05 -22.57
N TYR B 33 4.14 1.62 -21.39
CA TYR B 33 4.36 0.89 -20.13
C TYR B 33 3.56 1.51 -19.00
N LEU B 34 3.59 0.87 -17.83
CA LEU B 34 2.97 1.46 -16.65
C LEU B 34 4.05 1.83 -15.65
N HIS B 35 3.95 3.03 -15.08
CA HIS B 35 4.91 3.52 -14.11
C HIS B 35 4.22 3.44 -12.76
N LEU B 36 4.69 2.52 -11.90
CA LEU B 36 4.01 2.21 -10.65
C LEU B 36 4.78 2.75 -9.45
N ASP B 37 4.19 3.72 -8.77
CA ASP B 37 4.87 4.44 -7.70
C ASP B 37 4.72 3.72 -6.37
N VAL B 38 5.82 3.27 -5.82
CA VAL B 38 5.82 2.54 -4.56
C VAL B 38 6.45 3.42 -3.48
N MET B 39 5.66 3.77 -2.47
CA MET B 39 6.14 4.66 -1.41
C MET B 39 5.95 4.00 -0.04
N ASP B 40 6.99 4.00 0.79
CA ASP B 40 6.92 3.29 2.07
C ASP B 40 6.66 4.17 3.28
N GLY B 41 6.34 5.44 3.07
CA GLY B 41 6.03 6.34 4.16
C GLY B 41 7.27 6.79 4.92
N HIS B 42 8.43 6.32 4.48
CA HIS B 42 9.68 6.63 5.17
C HIS B 42 10.64 7.46 4.31
N PHE B 43 10.95 6.95 3.11
CA PHE B 43 11.78 7.69 2.17
C PHE B 43 11.05 8.94 1.67
N VAL B 44 9.73 8.82 1.54
CA VAL B 44 8.85 9.94 1.25
C VAL B 44 7.69 9.94 2.24
N PRO B 45 7.07 11.11 2.46
CA PRO B 45 6.00 11.20 3.45
C PRO B 45 4.62 10.78 2.90
N ASN B 46 4.56 9.61 2.26
CA ASN B 46 3.28 9.12 1.76
C ASN B 46 3.43 7.63 1.60
N ILE B 47 2.31 6.90 1.61
CA ILE B 47 2.33 5.45 1.41
C ILE B 47 1.43 5.09 0.24
N THR B 48 1.92 4.35 -0.74
CA THR B 48 1.06 3.98 -1.86
C THR B 48 0.66 2.51 -1.81
N PHE B 49 1.57 1.66 -2.28
CA PHE B 49 1.36 0.21 -2.24
C PHE B 49 2.70 -0.44 -2.49
N GLY B 50 2.78 -1.75 -2.33
CA GLY B 50 4.03 -2.47 -2.56
C GLY B 50 3.82 -3.68 -3.43
N HIS B 51 4.69 -4.67 -3.30
CA HIS B 51 4.64 -5.85 -4.16
C HIS B 51 3.31 -6.64 -4.17
N PRO B 52 2.59 -6.68 -3.04
CA PRO B 52 1.30 -7.40 -3.07
C PRO B 52 0.28 -6.82 -4.07
N VAL B 53 0.20 -5.51 -4.17
CA VAL B 53 -0.64 -4.89 -5.21
C VAL B 53 -0.10 -5.22 -6.60
N VAL B 54 1.22 -5.17 -6.73
CA VAL B 54 1.85 -5.46 -8.02
C VAL B 54 1.51 -6.88 -8.49
N GLU B 55 1.53 -7.84 -7.57
CA GLU B 55 1.17 -9.22 -7.89
CA GLU B 55 1.14 -9.23 -7.86
C GLU B 55 -0.27 -9.31 -8.43
N SER B 56 -1.21 -8.65 -7.74
CA SER B 56 -2.59 -8.62 -8.23
C SER B 56 -2.73 -7.91 -9.59
N LEU B 57 -1.96 -6.84 -9.78
CA LEU B 57 -1.99 -6.13 -11.05
C LEU B 57 -1.46 -7.01 -12.19
N ARG B 58 -0.36 -7.71 -11.95
CA ARG B 58 0.21 -8.58 -12.96
C ARG B 58 -0.77 -9.68 -13.37
N LYS B 59 -1.53 -10.17 -12.40
CA LYS B 59 -2.52 -11.21 -12.67
C LYS B 59 -3.69 -10.68 -13.49
N GLN B 60 -4.07 -9.44 -13.20
CA GLN B 60 -5.17 -8.78 -13.90
C GLN B 60 -4.80 -8.36 -15.32
N LEU B 61 -3.57 -7.89 -15.50
CA LEU B 61 -3.17 -7.23 -16.73
C LEU B 61 -2.49 -8.16 -17.74
N GLY B 62 -2.07 -9.32 -17.28
CA GLY B 62 -1.40 -10.27 -18.15
C GLY B 62 0.12 -10.17 -18.10
N GLN B 63 0.76 -11.04 -18.87
N GLN B 63 0.81 -11.05 -18.80
CA GLN B 63 2.20 -11.22 -18.88
CA GLN B 63 2.27 -11.06 -18.74
C GLN B 63 2.94 -10.14 -19.68
C GLN B 63 2.97 -10.06 -19.66
N ASP B 64 2.23 -9.51 -20.61
CA ASP B 64 2.86 -8.68 -21.65
CA ASP B 64 2.86 -8.68 -21.65
C ASP B 64 3.17 -7.23 -21.25
N PRO B 65 2.27 -6.59 -20.49
CA PRO B 65 2.57 -5.19 -20.16
C PRO B 65 3.85 -5.01 -19.32
N PHE B 66 4.56 -3.91 -19.56
CA PHE B 66 5.84 -3.59 -18.90
C PHE B 66 5.58 -2.74 -17.66
N PHE B 67 6.05 -3.22 -16.49
CA PHE B 67 5.94 -2.46 -15.25
C PHE B 67 7.28 -1.84 -14.91
N ASP B 68 7.31 -0.50 -14.83
CA ASP B 68 8.47 0.25 -14.31
C ASP B 68 8.17 0.61 -12.85
N MET B 69 8.92 0.04 -11.91
CA MET B 69 8.64 0.25 -10.49
C MET B 69 9.47 1.40 -9.95
N HIS B 70 8.82 2.48 -9.59
CA HIS B 70 9.51 3.61 -9.01
C HIS B 70 9.54 3.41 -7.51
N MET B 71 10.69 2.97 -7.01
CA MET B 71 10.82 2.51 -5.64
C MET B 71 11.25 3.66 -4.75
N MET B 72 10.28 4.42 -4.27
CA MET B 72 10.56 5.48 -3.30
C MET B 72 10.50 4.89 -1.89
N VAL B 73 11.48 4.07 -1.58
CA VAL B 73 11.50 3.32 -0.32
C VAL B 73 12.88 3.47 0.31
N SER B 74 12.97 3.44 1.63
CA SER B 74 14.23 3.63 2.35
CA SER B 74 14.26 3.66 2.28
C SER B 74 15.20 2.46 2.20
N LYS B 75 14.67 1.26 1.97
CA LYS B 75 15.53 0.08 1.87
C LYS B 75 15.26 -0.68 0.58
N PRO B 76 15.75 -0.14 -0.56
CA PRO B 76 15.47 -0.76 -1.86
C PRO B 76 16.01 -2.18 -1.97
N GLU B 77 17.05 -2.49 -1.19
CA GLU B 77 17.62 -3.83 -1.18
C GLU B 77 16.56 -4.86 -0.79
N GLN B 78 15.61 -4.44 0.04
CA GLN B 78 14.67 -5.39 0.66
C GLN B 78 13.63 -5.95 -0.29
N TRP B 79 13.23 -5.17 -1.30
CA TRP B 79 12.05 -5.48 -2.09
C TRP B 79 12.35 -5.99 -3.49
N VAL B 80 13.62 -6.29 -3.76
CA VAL B 80 14.05 -6.75 -5.08
C VAL B 80 13.42 -8.09 -5.43
N LYS B 81 13.63 -9.12 -4.62
CA LYS B 81 13.02 -10.42 -4.88
CA LYS B 81 13.02 -10.41 -4.94
C LYS B 81 11.49 -10.34 -4.88
N PRO B 82 10.90 -9.74 -3.84
CA PRO B 82 9.44 -9.65 -3.82
C PRO B 82 8.86 -9.00 -5.09
N MET B 83 9.47 -7.93 -5.58
CA MET B 83 9.00 -7.31 -6.82
C MET B 83 9.21 -8.21 -8.04
N ALA B 84 10.35 -8.91 -8.08
CA ALA B 84 10.64 -9.81 -9.21
C ALA B 84 9.60 -10.94 -9.27
N VAL B 85 9.33 -11.54 -8.13
CA VAL B 85 8.33 -12.60 -8.03
C VAL B 85 6.92 -12.08 -8.38
N ALA B 86 6.64 -10.84 -8.01
CA ALA B 86 5.34 -10.24 -8.33
C ALA B 86 5.18 -9.97 -9.82
N GLY B 87 6.29 -9.93 -10.55
CA GLY B 87 6.24 -9.72 -12.00
C GLY B 87 6.63 -8.34 -12.50
N ALA B 88 7.39 -7.58 -11.71
CA ALA B 88 7.90 -6.29 -12.20
C ALA B 88 8.95 -6.50 -13.30
N ASN B 89 9.00 -5.61 -14.30
CA ASN B 89 10.04 -5.71 -15.34
C ASN B 89 11.28 -4.88 -15.06
N GLN B 90 11.09 -3.72 -14.43
CA GLN B 90 12.19 -2.81 -14.16
C GLN B 90 12.10 -2.28 -12.72
N TYR B 91 13.24 -2.28 -12.02
CA TYR B 91 13.27 -1.87 -10.63
C TYR B 91 14.11 -0.61 -10.57
N THR B 92 13.44 0.51 -10.30
CA THR B 92 14.09 1.82 -10.32
C THR B 92 14.20 2.30 -8.89
N PHE B 93 15.40 2.26 -8.34
CA PHE B 93 15.63 2.68 -6.97
C PHE B 93 16.24 4.07 -6.91
N HIS B 94 16.20 4.67 -5.72
CA HIS B 94 16.74 5.99 -5.55
C HIS B 94 18.18 5.93 -5.09
N LEU B 95 19.04 6.69 -5.75
CA LEU B 95 20.45 6.69 -5.42
C LEU B 95 20.64 7.17 -3.99
N GLU B 96 19.71 8.02 -3.53
CA GLU B 96 19.82 8.56 -2.18
C GLU B 96 19.50 7.51 -1.10
N ALA B 97 18.85 6.42 -1.48
CA ALA B 97 18.31 5.47 -0.50
C ALA B 97 19.19 4.24 -0.29
N THR B 98 20.10 3.98 -1.21
CA THR B 98 20.86 2.74 -1.13
C THR B 98 22.15 2.86 -0.35
N GLU B 99 22.53 1.78 0.30
CA GLU B 99 23.79 1.72 1.04
C GLU B 99 24.95 1.34 0.11
N ASN B 100 24.62 0.77 -1.05
CA ASN B 100 25.64 0.19 -1.95
C ASN B 100 25.02 -0.02 -3.33
N PRO B 101 25.13 1.00 -4.21
CA PRO B 101 24.45 0.95 -5.51
C PRO B 101 24.93 -0.22 -6.37
N GLY B 102 26.25 -0.47 -6.34
CA GLY B 102 26.81 -1.53 -7.15
C GLY B 102 26.24 -2.90 -6.80
N ALA B 103 26.10 -3.17 -5.50
CA ALA B 103 25.58 -4.46 -5.05
C ALA B 103 24.10 -4.60 -5.40
N LEU B 104 23.38 -3.51 -5.28
CA LEU B 104 21.95 -3.51 -5.58
C LEU B 104 21.68 -3.70 -7.08
N ILE B 105 22.40 -2.97 -7.91
CA ILE B 105 22.33 -3.14 -9.36
C ILE B 105 22.54 -4.61 -9.73
N LYS B 106 23.57 -5.22 -9.18
CA LYS B 106 23.82 -6.64 -9.43
C LYS B 106 22.62 -7.51 -9.00
N ASP B 107 22.08 -7.24 -7.82
CA ASP B 107 20.99 -8.08 -7.32
C ASP B 107 19.76 -7.98 -8.21
N ILE B 108 19.49 -6.78 -8.71
CA ILE B 108 18.33 -6.55 -9.58
C ILE B 108 18.49 -7.39 -10.84
N ARG B 109 19.69 -7.37 -11.40
CA ARG B 109 19.96 -8.17 -12.60
C ARG B 109 19.90 -9.67 -12.33
N GLU B 110 20.39 -10.12 -11.18
CA GLU B 110 20.30 -11.53 -10.82
CA GLU B 110 20.29 -11.54 -10.86
C GLU B 110 18.82 -11.95 -10.75
N ASN B 111 17.96 -10.98 -10.49
CA ASN B 111 16.53 -11.24 -10.38
C ASN B 111 15.77 -11.03 -11.70
N GLY B 112 16.52 -10.90 -12.78
CA GLY B 112 15.93 -10.82 -14.10
C GLY B 112 15.22 -9.52 -14.45
N MET B 113 15.43 -8.48 -13.66
CA MET B 113 14.76 -7.20 -13.93
C MET B 113 15.71 -6.18 -14.53
N LYS B 114 15.15 -5.21 -15.26
CA LYS B 114 15.94 -4.08 -15.72
CA LYS B 114 15.93 -4.07 -15.73
C LYS B 114 16.25 -3.15 -14.55
N VAL B 115 17.28 -2.33 -14.71
CA VAL B 115 17.76 -1.49 -13.63
C VAL B 115 17.54 -0.01 -13.92
N GLY B 116 16.78 0.65 -13.05
CA GLY B 116 16.58 2.08 -13.12
C GLY B 116 17.23 2.74 -11.92
N LEU B 117 17.69 3.97 -12.11
CA LEU B 117 18.32 4.71 -11.02
C LEU B 117 17.76 6.12 -11.03
N ALA B 118 17.15 6.53 -9.92
CA ALA B 118 16.46 7.80 -9.84
C ALA B 118 17.21 8.80 -8.96
N ILE B 119 17.11 10.09 -9.31
CA ILE B 119 17.64 11.14 -8.45
C ILE B 119 16.59 12.21 -8.22
N LYS B 120 16.52 12.68 -6.96
CA LYS B 120 15.62 13.77 -6.60
C LYS B 120 16.13 15.10 -7.12
N PRO B 121 15.26 16.11 -7.17
CA PRO B 121 15.63 17.40 -7.75
C PRO B 121 16.91 17.99 -7.13
N GLY B 122 17.08 17.86 -5.82
CA GLY B 122 18.22 18.45 -5.14
C GLY B 122 19.51 17.65 -5.28
N THR B 123 19.43 16.50 -5.95
CA THR B 123 20.58 15.62 -6.11
C THR B 123 21.34 15.88 -7.41
N SER B 124 22.62 16.19 -7.28
CA SER B 124 23.46 16.49 -8.43
C SER B 124 23.47 15.36 -9.46
N VAL B 125 23.32 15.72 -10.72
CA VAL B 125 23.29 14.76 -11.79
C VAL B 125 24.62 13.98 -11.85
N GLU B 126 25.72 14.61 -11.44
CA GLU B 126 27.02 13.95 -11.46
C GLU B 126 27.15 12.76 -10.49
N TYR B 127 26.25 12.67 -9.52
CA TYR B 127 26.15 11.48 -8.68
C TYR B 127 25.89 10.22 -9.50
N LEU B 128 25.25 10.38 -10.67
CA LEU B 128 24.92 9.25 -11.54
C LEU B 128 26.10 8.76 -12.38
N ALA B 129 27.08 9.64 -12.61
CA ALA B 129 28.18 9.34 -13.54
C ALA B 129 28.84 7.97 -13.32
N PRO B 130 29.17 7.64 -12.06
CA PRO B 130 29.89 6.38 -11.84
C PRO B 130 29.03 5.17 -12.17
N TRP B 131 27.72 5.36 -12.31
CA TRP B 131 26.80 4.24 -12.45
C TRP B 131 26.12 4.17 -13.81
N ALA B 132 26.23 5.22 -14.60
CA ALA B 132 25.40 5.34 -15.81
C ALA B 132 25.61 4.18 -16.79
N ASN B 133 26.83 3.65 -16.84
CA ASN B 133 27.15 2.54 -17.74
C ASN B 133 26.65 1.18 -17.26
N GLN B 134 26.20 1.11 -16.00
CA GLN B 134 25.78 -0.15 -15.41
C GLN B 134 24.26 -0.28 -15.34
N ILE B 135 23.55 0.79 -15.67
CA ILE B 135 22.10 0.79 -15.50
C ILE B 135 21.41 0.83 -16.86
N ASP B 136 20.12 0.53 -16.88
CA ASP B 136 19.34 0.58 -18.11
C ASP B 136 18.65 1.92 -18.29
N MET B 137 18.35 2.60 -17.20
CA MET B 137 17.57 3.82 -17.26
C MET B 137 17.87 4.74 -16.08
N ALA B 138 18.04 6.03 -16.38
CA ALA B 138 18.15 7.05 -15.35
C ALA B 138 16.82 7.79 -15.25
N LEU B 139 16.33 7.96 -14.02
CA LEU B 139 15.11 8.73 -13.78
CA LEU B 139 15.11 8.70 -13.76
C LEU B 139 15.47 10.06 -13.15
N VAL B 140 15.21 11.12 -13.89
CA VAL B 140 15.42 12.48 -13.43
C VAL B 140 14.08 12.98 -12.91
N MET B 141 13.93 13.08 -11.59
CA MET B 141 12.69 13.61 -11.05
CA MET B 141 12.71 13.62 -11.00
C MET B 141 12.56 15.08 -11.38
N THR B 142 11.36 15.47 -11.79
CA THR B 142 11.06 16.87 -12.12
C THR B 142 10.06 17.50 -11.15
N VAL B 143 9.82 16.79 -10.04
CA VAL B 143 9.15 17.31 -8.85
C VAL B 143 9.80 16.63 -7.62
N GLU B 144 9.61 17.18 -6.44
CA GLU B 144 10.04 16.47 -5.23
C GLU B 144 9.12 15.27 -5.04
N PRO B 145 9.69 14.06 -4.91
CA PRO B 145 8.84 12.85 -4.85
C PRO B 145 7.94 12.75 -3.61
N GLY B 146 6.80 12.09 -3.76
CA GLY B 146 5.87 11.88 -2.67
C GLY B 146 4.42 12.05 -3.11
N PHE B 147 4.19 12.91 -4.10
CA PHE B 147 2.83 13.28 -4.50
C PHE B 147 2.69 13.59 -5.99
N GLY B 148 1.51 13.31 -6.53
CA GLY B 148 1.20 13.66 -7.91
C GLY B 148 0.67 15.08 -8.01
N GLY B 149 0.56 15.59 -9.23
CA GLY B 149 -0.06 16.90 -9.48
C GLY B 149 0.78 18.12 -9.08
N GLN B 150 2.06 17.91 -8.78
CA GLN B 150 2.97 19.02 -8.45
C GLN B 150 3.46 19.75 -9.70
N LYS B 151 4.09 20.89 -9.52
CA LYS B 151 4.55 21.70 -10.64
C LYS B 151 5.89 21.26 -11.23
N PHE B 152 5.89 21.03 -12.54
CA PHE B 152 7.09 20.69 -13.30
C PHE B 152 8.27 21.64 -13.02
N MET B 153 9.42 21.09 -12.69
CA MET B 153 10.63 21.89 -12.46
C MET B 153 11.50 21.95 -13.71
N GLU B 154 11.32 23.00 -14.52
CA GLU B 154 12.10 23.17 -15.74
CA GLU B 154 12.10 23.17 -15.74
C GLU B 154 13.60 23.23 -15.48
N ASP B 155 13.97 23.69 -14.29
CA ASP B 155 15.39 23.77 -13.93
C ASP B 155 16.08 22.40 -13.82
N MET B 156 15.33 21.31 -13.98
CA MET B 156 15.94 19.99 -14.01
C MET B 156 16.45 19.62 -15.41
N MET B 157 16.03 20.37 -16.42
CA MET B 157 16.34 19.98 -17.80
C MET B 157 17.84 19.85 -18.10
N PRO B 158 18.66 20.71 -17.50
CA PRO B 158 20.11 20.56 -17.74
C PRO B 158 20.64 19.22 -17.25
N LYS B 159 19.98 18.58 -16.30
CA LYS B 159 20.40 17.25 -15.88
C LYS B 159 20.15 16.24 -17.00
N VAL B 160 18.97 16.34 -17.61
CA VAL B 160 18.60 15.46 -18.70
C VAL B 160 19.54 15.66 -19.87
N HIS B 161 19.78 16.92 -20.22
CA HIS B 161 20.66 17.23 -21.34
C HIS B 161 22.07 16.69 -21.10
N TRP B 162 22.56 16.86 -19.89
CA TRP B 162 23.88 16.39 -19.54
C TRP B 162 23.99 14.86 -19.71
N LEU B 163 22.97 14.15 -19.24
CA LEU B 163 22.97 12.69 -19.34
C LEU B 163 22.91 12.20 -20.79
N ARG B 164 22.07 12.84 -21.59
CA ARG B 164 21.92 12.46 -23.00
C ARG B 164 23.23 12.71 -23.77
N THR B 165 23.91 13.79 -23.42
CA THR B 165 25.17 14.11 -24.08
C THR B 165 26.28 13.17 -23.65
N GLN B 166 26.37 12.91 -22.35
CA GLN B 166 27.44 12.06 -21.81
C GLN B 166 27.18 10.57 -22.06
N PHE B 167 25.91 10.17 -22.10
CA PHE B 167 25.56 8.75 -22.25
C PHE B 167 24.50 8.53 -23.32
N PRO B 168 24.92 8.60 -24.60
CA PRO B 168 23.99 8.50 -25.72
C PRO B 168 23.07 7.28 -25.68
N SER B 169 23.51 6.18 -25.09
CA SER B 169 22.73 4.94 -25.15
C SER B 169 21.74 4.77 -23.99
N LEU B 170 21.83 5.67 -23.01
CA LEU B 170 21.07 5.53 -21.77
C LEU B 170 19.62 6.00 -21.94
N ASP B 171 18.67 5.18 -21.52
CA ASP B 171 17.28 5.60 -21.50
C ASP B 171 17.15 6.61 -20.38
N ILE B 172 16.49 7.73 -20.65
CA ILE B 172 16.32 8.75 -19.63
C ILE B 172 14.84 9.03 -19.43
N GLU B 173 14.38 8.87 -18.20
CA GLU B 173 12.98 9.07 -17.87
C GLU B 173 12.82 10.37 -17.09
N VAL B 174 11.73 11.09 -17.36
CA VAL B 174 11.36 12.24 -16.55
C VAL B 174 10.03 11.94 -15.85
N ASP B 175 9.87 12.51 -14.66
CA ASP B 175 8.78 12.10 -13.80
C ASP B 175 8.42 13.23 -12.87
N GLY B 176 7.22 13.77 -13.04
CA GLY B 176 6.73 14.85 -12.20
C GLY B 176 6.26 16.06 -12.99
N GLY B 177 4.96 16.27 -13.01
CA GLY B 177 4.39 17.42 -13.71
C GLY B 177 4.58 17.40 -15.22
N VAL B 178 4.84 16.23 -15.77
CA VAL B 178 4.99 16.12 -17.22
C VAL B 178 3.64 15.90 -17.86
N GLY B 179 3.33 16.76 -18.83
CA GLY B 179 2.09 16.68 -19.58
C GLY B 179 2.32 17.36 -20.92
N PRO B 180 1.24 17.54 -21.71
CA PRO B 180 1.35 18.14 -23.03
C PRO B 180 1.94 19.55 -22.95
N ASP B 181 1.80 20.21 -21.80
CA ASP B 181 2.40 21.54 -21.62
C ASP B 181 3.93 21.51 -21.42
N THR B 182 4.47 20.43 -20.87
CA THR B 182 5.90 20.39 -20.54
C THR B 182 6.72 19.32 -21.26
N VAL B 183 6.05 18.44 -21.99
CA VAL B 183 6.73 17.28 -22.58
C VAL B 183 7.81 17.70 -23.58
N HIS B 184 7.53 18.74 -24.38
CA HIS B 184 8.50 19.20 -25.36
C HIS B 184 9.81 19.61 -24.70
N LYS B 185 9.73 20.27 -23.55
CA LYS B 185 10.94 20.66 -22.82
C LYS B 185 11.77 19.44 -22.46
N CYS B 186 11.07 18.37 -22.09
CA CYS B 186 11.74 17.14 -21.70
C CYS B 186 12.40 16.50 -22.92
N ALA B 187 11.67 16.47 -24.03
CA ALA B 187 12.14 15.79 -25.23
C ALA B 187 13.32 16.52 -25.86
N GLU B 188 13.28 17.85 -25.85
N GLU B 188 13.26 17.85 -25.87
CA GLU B 188 14.35 18.62 -26.46
CA GLU B 188 14.34 18.66 -26.42
C GLU B 188 15.62 18.52 -25.62
C GLU B 188 15.61 18.39 -25.65
N ALA B 189 15.47 18.23 -24.34
CA ALA B 189 16.61 18.03 -23.45
C ALA B 189 17.24 16.63 -23.60
N GLY B 190 16.47 15.67 -24.11
CA GLY B 190 17.00 14.33 -24.31
C GLY B 190 16.24 13.16 -23.69
N ALA B 191 15.15 13.44 -22.98
CA ALA B 191 14.36 12.37 -22.37
C ALA B 191 13.67 11.54 -23.44
N ASN B 192 13.61 10.22 -23.26
CA ASN B 192 12.88 9.36 -24.20
C ASN B 192 11.81 8.49 -23.52
N MET B 193 11.74 8.56 -22.20
CA MET B 193 10.70 7.87 -21.45
C MET B 193 9.98 8.89 -20.60
N ILE B 194 8.68 8.96 -20.81
CA ILE B 194 7.85 10.04 -20.26
C ILE B 194 6.79 9.50 -19.32
N VAL B 195 6.89 9.86 -18.04
CA VAL B 195 5.85 9.49 -17.09
C VAL B 195 4.85 10.63 -17.03
N SER B 196 3.57 10.30 -17.07
CA SER B 196 2.54 11.31 -16.98
C SER B 196 1.36 10.75 -16.21
N GLY B 197 0.89 11.51 -15.22
CA GLY B 197 -0.16 11.03 -14.34
C GLY B 197 -1.41 11.86 -14.49
N SER B 198 -1.51 12.88 -13.63
CA SER B 198 -2.68 13.75 -13.61
C SER B 198 -3.12 14.21 -15.00
N ALA B 199 -2.17 14.58 -15.86
CA ALA B 199 -2.52 15.06 -17.21
C ALA B 199 -3.32 14.07 -18.08
N ILE B 200 -3.12 12.77 -17.84
CA ILE B 200 -3.69 11.71 -18.68
C ILE B 200 -4.89 11.06 -18.01
N MET B 201 -4.91 11.12 -16.68
CA MET B 201 -5.81 10.29 -15.87
C MET B 201 -7.28 10.67 -15.97
N ARG B 202 -7.57 11.94 -16.27
CA ARG B 202 -8.96 12.41 -16.33
C ARG B 202 -9.58 12.22 -17.70
N SER B 203 -8.74 12.09 -18.72
CA SER B 203 -9.21 12.13 -20.10
C SER B 203 -10.25 11.07 -20.43
N GLU B 204 -11.22 11.48 -21.24
CA GLU B 204 -12.19 10.58 -21.83
C GLU B 204 -11.49 9.71 -22.86
N ASP B 205 -10.52 10.31 -23.55
CA ASP B 205 -9.83 9.66 -24.67
C ASP B 205 -8.35 9.61 -24.39
N PRO B 206 -7.93 8.79 -23.41
CA PRO B 206 -6.50 8.82 -23.05
C PRO B 206 -5.62 8.51 -24.26
N ARG B 207 -6.14 7.77 -25.25
CA ARG B 207 -5.34 7.40 -26.41
C ARG B 207 -4.80 8.63 -27.16
N SER B 208 -5.65 9.62 -27.34
CA SER B 208 -5.25 10.85 -28.03
C SER B 208 -4.17 11.62 -27.26
N VAL B 209 -4.34 11.72 -25.95
CA VAL B 209 -3.35 12.39 -25.11
C VAL B 209 -2.03 11.63 -25.10
N ILE B 210 -2.09 10.32 -24.95
CA ILE B 210 -0.89 9.49 -24.99
C ILE B 210 -0.19 9.67 -26.33
N ASN B 211 -0.95 9.61 -27.43
CA ASN B 211 -0.37 9.78 -28.76
C ASN B 211 0.28 11.14 -28.93
N LEU B 212 -0.37 12.17 -28.39
CA LEU B 212 0.18 13.52 -28.45
C LEU B 212 1.52 13.62 -27.70
N LEU B 213 1.58 13.07 -26.49
CA LEU B 213 2.83 13.10 -25.73
C LEU B 213 3.93 12.39 -26.51
N ARG B 214 3.60 11.21 -27.02
CA ARG B 214 4.55 10.40 -27.75
C ARG B 214 5.03 11.09 -29.03
N ASN B 215 4.08 11.72 -29.73
CA ASN B 215 4.40 12.35 -31.00
C ASN B 215 5.24 13.62 -30.84
N VAL B 216 4.87 14.43 -29.85
CA VAL B 216 5.67 15.61 -29.52
C VAL B 216 7.09 15.17 -29.17
N CYS B 217 7.21 14.14 -28.35
N CYS B 217 7.21 14.16 -28.32
CA CYS B 217 8.51 13.65 -27.89
CA CYS B 217 8.51 13.62 -27.94
C CYS B 217 9.37 13.08 -29.05
C CYS B 217 9.31 13.23 -29.15
N SER B 218 8.74 12.30 -29.93
CA SER B 218 9.43 11.70 -31.07
CA SER B 218 9.43 11.71 -31.06
C SER B 218 9.87 12.76 -32.09
N GLU B 219 8.97 13.69 -32.42
CA GLU B 219 9.32 14.70 -33.41
C GLU B 219 10.38 15.65 -32.89
N ALA B 220 10.35 15.93 -31.59
CA ALA B 220 11.38 16.76 -30.98
C ALA B 220 12.73 16.04 -31.01
N ALA B 221 12.70 14.72 -30.81
CA ALA B 221 13.92 13.93 -30.85
C ALA B 221 14.50 13.87 -32.26
N GLN B 222 13.64 13.69 -33.26
CA GLN B 222 14.07 13.77 -34.66
C GLN B 222 14.69 15.14 -34.88
N LYS B 223 14.27 16.10 -34.07
CA LYS B 223 14.82 17.45 -34.10
CA LYS B 223 14.79 17.46 -34.08
C LYS B 223 14.40 18.22 -35.34
#